data_5V2R
#
_entry.id   5V2R
#
_entity_poly.entity_id   1
_entity_poly.type   'polyribonucleotide'
_entity_poly.pdbx_seq_one_letter_code
;CCAGAAACGGAUGGA
;
_entity_poly.pdbx_strand_id   A,B
#